data_4KQU
#
_entry.id   4KQU
#
_cell.length_a   111.500
_cell.length_b   111.500
_cell.length_c   66.530
_cell.angle_alpha   90.00
_cell.angle_beta   90.00
_cell.angle_gamma   90.00
#
_symmetry.space_group_name_H-M   'P 41 21 2'
#
loop_
_entity.id
_entity.type
_entity.pdbx_description
1 polymer 'Farnesyl pyrophosphate synthase'
2 non-polymer 'MAGNESIUM ION'
3 non-polymer '3-METHYLBUT-3-ENYL TRIHYDROGEN DIPHOSPHATE'
4 non-polymer 4-AMINO-1-HYDROXYBUTANE-1,1-DIYLDIPHOSPHONATE
5 water water
#
_entity_poly.entity_id   1
_entity_poly.type   'polypeptide(L)'
_entity_poly.pdbx_seq_one_letter_code
;MGSSHHHHHHSSGRENLYFQGHMNGDQNSDVYAQEKQDFVQHFSQIVRVLTEDEMGHPEIGDAIARLKEVLEYNAIGGKY
NRGLTVVVAFRELVEPRKQDADSLQRAWTVGWCVELLQAFFLVADDIMDSSLTRRGQICWYQKPGVGLDAINDANLLEAC
IYRLLKLYCREQPYYLNLIELFLQSSYQTEIGQTLDLLTAPQGNVDLVRFTEKRYKSIVKYKTAFASFYLPIAAAMYMAG
IDGEKEHANAKKILLEMGEFFQIQDDYLDLFGDPSVTGKIGTDIQDNKCSWLVVQCLQRATPEQYQILKENYGQKEAEKV
ARVKALYEELDLPAVFLQYEEDSYSHIMALIEQYAAPLPPAVFLGLARKIYKRRK
;
_entity_poly.pdbx_strand_id   A
#
loop_
_chem_comp.id
_chem_comp.type
_chem_comp.name
_chem_comp.formula
AHD non-polymer 4-AMINO-1-HYDROXYBUTANE-1,1-DIYLDIPHOSPHONATE 'C4 H9 N O7 P2 -4'
IPE non-polymer '3-METHYLBUT-3-ENYL TRIHYDROGEN DIPHOSPHATE' 'C5 H12 O7 P2'
MG non-polymer 'MAGNESIUM ION' 'Mg 2'
#
# COMPACT_ATOMS: atom_id res chain seq x y z
N TYR A 32 15.37 6.59 13.08
CA TYR A 32 14.41 5.98 12.17
C TYR A 32 13.70 4.82 12.84
N ALA A 33 14.44 3.91 13.48
CA ALA A 33 13.90 2.78 14.24
C ALA A 33 13.26 3.30 15.53
N GLN A 34 13.82 4.41 16.08
CA GLN A 34 13.32 5.10 17.27
C GLN A 34 12.03 5.84 16.87
N GLU A 35 12.01 6.40 15.63
CA GLU A 35 10.83 7.07 15.05
C GLU A 35 9.68 6.07 14.91
N LYS A 36 9.99 4.86 14.37
CA LYS A 36 9.08 3.73 14.21
C LYS A 36 8.54 3.30 15.58
N GLN A 37 9.43 3.20 16.58
CA GLN A 37 9.09 2.81 17.96
C GLN A 37 8.13 3.82 18.62
N ASP A 38 8.36 5.14 18.43
CA ASP A 38 7.50 6.18 18.98
C ASP A 38 6.09 6.09 18.41
N PHE A 39 5.98 5.78 17.10
CA PHE A 39 4.72 5.65 16.37
C PHE A 39 3.91 4.44 16.86
N VAL A 40 4.58 3.29 17.06
CA VAL A 40 3.98 2.02 17.49
C VAL A 40 3.45 2.15 18.94
N GLN A 41 4.14 2.96 19.77
CA GLN A 41 3.77 3.20 21.18
C GLN A 41 2.44 3.96 21.31
N HIS A 42 1.97 4.57 20.22
CA HIS A 42 0.70 5.29 20.23
C HIS A 42 -0.46 4.38 19.89
N PHE A 43 -0.19 3.14 19.42
CA PHE A 43 -1.23 2.20 19.01
C PHE A 43 -2.17 1.81 20.15
N SER A 44 -1.62 1.59 21.36
CA SER A 44 -2.43 1.20 22.52
C SER A 44 -3.53 2.26 22.80
N GLN A 45 -3.20 3.56 22.63
CA GLN A 45 -4.14 4.67 22.81
C GLN A 45 -5.21 4.65 21.71
N ILE A 46 -4.80 4.40 20.45
CA ILE A 46 -5.72 4.31 19.30
C ILE A 46 -6.79 3.23 19.56
N VAL A 47 -6.35 2.03 20.01
CA VAL A 47 -7.24 0.89 20.31
C VAL A 47 -8.18 1.23 21.45
N ARG A 48 -7.64 1.85 22.52
CA ARG A 48 -8.42 2.22 23.71
CA ARG A 48 -8.40 2.24 23.71
C ARG A 48 -9.57 3.18 23.35
N VAL A 49 -9.28 4.26 22.59
CA VAL A 49 -10.23 5.29 22.18
CA VAL A 49 -10.25 5.28 22.19
C VAL A 49 -11.27 4.69 21.21
N LEU A 50 -10.87 3.68 20.38
CA LEU A 50 -11.78 3.04 19.42
C LEU A 50 -12.64 1.92 20.05
N THR A 51 -12.20 1.37 21.18
CA THR A 51 -12.92 0.26 21.82
C THR A 51 -13.47 0.64 23.21
N GLU A 52 -13.87 1.94 23.39
CA GLU A 52 -14.44 2.49 24.62
C GLU A 52 -15.95 2.23 24.70
N HIS A 57 -22.27 2.06 26.01
CA HIS A 57 -23.14 1.04 25.45
C HIS A 57 -22.58 -0.39 25.76
N PRO A 58 -23.06 -1.07 26.84
CA PRO A 58 -22.53 -2.43 27.13
C PRO A 58 -23.08 -3.50 26.19
N GLU A 59 -24.22 -3.24 25.52
CA GLU A 59 -24.88 -4.17 24.60
C GLU A 59 -24.00 -4.56 23.39
N ILE A 60 -23.09 -3.67 22.96
CA ILE A 60 -22.21 -3.92 21.82
C ILE A 60 -20.84 -4.43 22.25
N GLY A 61 -20.67 -4.67 23.56
CA GLY A 61 -19.44 -5.15 24.19
C GLY A 61 -18.71 -6.24 23.44
N ASP A 62 -19.45 -7.31 23.06
CA ASP A 62 -18.91 -8.45 22.32
C ASP A 62 -18.39 -8.02 20.94
N ALA A 63 -19.10 -7.09 20.24
CA ALA A 63 -18.68 -6.59 18.95
C ALA A 63 -17.44 -5.69 19.07
N ILE A 64 -17.39 -4.87 20.15
CA ILE A 64 -16.27 -3.99 20.40
C ILE A 64 -15.03 -4.85 20.76
N ALA A 65 -15.25 -5.97 21.46
CA ALA A 65 -14.16 -6.90 21.79
C ALA A 65 -13.65 -7.54 20.48
N ARG A 66 -14.56 -7.82 19.50
CA ARG A 66 -14.15 -8.36 18.21
C ARG A 66 -13.34 -7.33 17.42
N LEU A 67 -13.76 -6.03 17.45
CA LEU A 67 -13.06 -4.93 16.79
C LEU A 67 -11.63 -4.81 17.34
N LYS A 68 -11.46 -4.90 18.66
CA LYS A 68 -10.13 -4.85 19.27
C LYS A 68 -9.25 -5.99 18.68
N GLU A 69 -9.80 -7.22 18.60
CA GLU A 69 -9.08 -8.36 17.99
C GLU A 69 -8.75 -8.09 16.51
N VAL A 70 -9.69 -7.47 15.76
CA VAL A 70 -9.51 -7.12 14.35
C VAL A 70 -8.37 -6.08 14.21
N LEU A 71 -8.34 -5.09 15.13
CA LEU A 71 -7.32 -4.05 15.14
C LEU A 71 -5.93 -4.59 15.46
N GLU A 72 -5.82 -5.37 16.56
CA GLU A 72 -4.57 -5.98 17.02
C GLU A 72 -3.96 -6.88 15.97
N TYR A 73 -4.78 -7.73 15.32
CA TYR A 73 -4.27 -8.67 14.32
C TYR A 73 -3.82 -8.01 13.02
N ASN A 74 -4.63 -7.11 12.46
CA ASN A 74 -4.40 -6.56 11.13
C ASN A 74 -3.73 -5.18 10.99
N ALA A 75 -3.59 -4.38 12.05
CA ALA A 75 -2.98 -3.05 11.85
C ALA A 75 -1.52 -3.03 12.33
N ILE A 76 -1.05 -4.15 12.91
CA ILE A 76 0.29 -4.33 13.47
C ILE A 76 1.05 -5.44 12.72
N GLY A 77 2.36 -5.24 12.53
CA GLY A 77 3.24 -6.21 11.89
C GLY A 77 3.91 -5.72 10.62
N GLY A 78 3.38 -4.64 10.04
CA GLY A 78 3.93 -4.03 8.84
C GLY A 78 5.13 -3.14 9.14
N LYS A 79 5.57 -2.36 8.15
CA LYS A 79 6.73 -1.48 8.30
C LYS A 79 6.31 -0.08 8.79
N TYR A 80 5.00 0.21 8.79
CA TYR A 80 4.38 1.49 9.20
C TYR A 80 4.89 2.68 8.37
N ASN A 81 5.40 2.46 7.14
CA ASN A 81 5.91 3.52 6.27
C ASN A 81 4.91 4.64 6.03
N ARG A 82 3.62 4.32 5.81
CA ARG A 82 2.59 5.31 5.52
C ARG A 82 2.27 6.16 6.75
N GLY A 83 2.07 5.50 7.89
CA GLY A 83 1.80 6.18 9.15
C GLY A 83 2.95 7.08 9.56
N LEU A 84 4.19 6.56 9.44
CA LEU A 84 5.41 7.32 9.73
C LEU A 84 5.60 8.50 8.79
N THR A 85 5.25 8.34 7.49
CA THR A 85 5.38 9.43 6.49
C THR A 85 4.50 10.64 6.95
N VAL A 86 3.29 10.40 7.46
CA VAL A 86 2.39 11.46 7.94
C VAL A 86 3.08 12.23 9.08
N VAL A 87 3.64 11.51 10.06
CA VAL A 87 4.29 12.07 11.24
C VAL A 87 5.57 12.85 10.82
N VAL A 88 6.41 12.24 9.98
CA VAL A 88 7.67 12.85 9.54
C VAL A 88 7.36 14.06 8.65
N ALA A 89 6.42 13.93 7.70
CA ALA A 89 6.08 15.03 6.82
C ALA A 89 5.47 16.20 7.60
N PHE A 90 4.57 15.92 8.59
CA PHE A 90 3.96 16.97 9.41
C PHE A 90 5.05 17.80 10.15
N ARG A 91 6.01 17.12 10.77
CA ARG A 91 7.12 17.76 11.48
C ARG A 91 7.96 18.65 10.58
N GLU A 92 8.18 18.22 9.33
CA GLU A 92 8.99 18.96 8.35
C GLU A 92 8.23 20.11 7.69
N LEU A 93 6.90 20.04 7.70
CA LEU A 93 6.06 21.05 7.06
C LEU A 93 5.52 22.09 8.03
N VAL A 94 5.45 21.78 9.34
CA VAL A 94 4.91 22.69 10.36
C VAL A 94 6.03 23.28 11.18
N GLU A 95 5.96 24.62 11.43
CA GLU A 95 6.89 25.40 12.24
C GLU A 95 6.91 24.80 13.67
N PRO A 96 8.10 24.47 14.24
CA PRO A 96 8.14 23.83 15.58
C PRO A 96 7.38 24.55 16.71
N ARG A 97 7.20 25.89 16.64
CA ARG A 97 6.45 26.62 17.67
C ARG A 97 4.93 26.34 17.57
N LYS A 98 4.48 25.78 16.43
CA LYS A 98 3.09 25.41 16.19
C LYS A 98 2.86 23.89 16.39
N GLN A 99 3.93 23.13 16.71
CA GLN A 99 3.85 21.70 16.95
C GLN A 99 3.61 21.42 18.46
N ASP A 100 2.45 21.87 18.99
CA ASP A 100 2.07 21.62 20.39
C ASP A 100 1.69 20.12 20.59
N ALA A 101 1.38 19.71 21.83
CA ALA A 101 1.04 18.32 22.17
C ALA A 101 -0.22 17.81 21.42
N ASP A 102 -1.28 18.63 21.31
CA ASP A 102 -2.51 18.25 20.61
C ASP A 102 -2.28 18.10 19.11
N SER A 103 -1.48 19.02 18.51
CA SER A 103 -1.11 19.00 17.09
C SER A 103 -0.36 17.74 16.73
N LEU A 104 0.64 17.36 17.56
CA LEU A 104 1.42 16.15 17.35
C LEU A 104 0.56 14.89 17.48
N GLN A 105 -0.40 14.89 18.43
CA GLN A 105 -1.31 13.75 18.63
C GLN A 105 -2.18 13.57 17.38
N ARG A 106 -2.72 14.67 16.84
CA ARG A 106 -3.52 14.67 15.61
C ARG A 106 -2.69 14.05 14.47
N ALA A 107 -1.40 14.43 14.35
CA ALA A 107 -0.49 13.92 13.31
C ALA A 107 -0.31 12.39 13.40
N TRP A 108 -0.02 11.84 14.61
CA TRP A 108 0.18 10.38 14.75
C TRP A 108 -1.16 9.63 14.61
N THR A 109 -2.29 10.28 14.98
CA THR A 109 -3.63 9.70 14.82
C THR A 109 -3.95 9.58 13.31
N VAL A 110 -3.68 10.65 12.52
CA VAL A 110 -3.93 10.63 11.08
C VAL A 110 -2.96 9.61 10.43
N GLY A 111 -1.74 9.47 10.98
CA GLY A 111 -0.80 8.45 10.54
C GLY A 111 -1.43 7.06 10.71
N TRP A 112 -2.02 6.81 11.90
CA TRP A 112 -2.69 5.56 12.18
C TRP A 112 -3.94 5.38 11.29
N CYS A 113 -4.66 6.47 10.91
CA CYS A 113 -5.80 6.38 9.97
C CYS A 113 -5.33 5.83 8.63
N VAL A 114 -4.14 6.25 8.16
CA VAL A 114 -3.59 5.75 6.89
C VAL A 114 -3.24 4.26 7.03
N GLU A 115 -2.74 3.83 8.21
CA GLU A 115 -2.43 2.41 8.50
C GLU A 115 -3.72 1.58 8.51
N LEU A 116 -4.81 2.15 9.03
CA LEU A 116 -6.14 1.50 9.06
C LEU A 116 -6.71 1.33 7.63
N LEU A 117 -6.50 2.34 6.76
CA LEU A 117 -6.91 2.27 5.35
C LEU A 117 -6.21 1.11 4.68
N GLN A 118 -4.88 1.00 4.93
CA GLN A 118 -4.07 -0.09 4.41
C GLN A 118 -4.58 -1.44 4.95
N ALA A 119 -4.87 -1.52 6.27
CA ALA A 119 -5.35 -2.76 6.92
C ALA A 119 -6.64 -3.24 6.29
N PHE A 120 -7.61 -2.31 6.07
CA PHE A 120 -8.89 -2.58 5.44
C PHE A 120 -8.68 -3.23 4.05
N PHE A 121 -7.86 -2.62 3.19
CA PHE A 121 -7.62 -3.10 1.83
C PHE A 121 -6.89 -4.44 1.81
N LEU A 122 -5.93 -4.65 2.75
CA LEU A 122 -5.15 -5.89 2.78
C LEU A 122 -5.99 -7.08 3.21
N VAL A 123 -6.85 -6.92 4.23
CA VAL A 123 -7.74 -7.97 4.71
C VAL A 123 -8.64 -8.43 3.55
N ALA A 124 -9.22 -7.45 2.81
CA ALA A 124 -10.10 -7.71 1.67
C ALA A 124 -9.31 -8.29 0.48
N ASP A 125 -8.13 -7.71 0.17
CA ASP A 125 -7.27 -8.16 -0.94
C ASP A 125 -6.79 -9.60 -0.71
N ASP A 126 -6.53 -10.00 0.57
CA ASP A 126 -6.03 -11.36 0.85
C ASP A 126 -7.10 -12.40 0.58
N ILE A 127 -8.38 -12.05 0.80
CA ILE A 127 -9.48 -12.98 0.47
C ILE A 127 -9.56 -13.15 -1.06
N MET A 128 -9.61 -12.03 -1.80
CA MET A 128 -9.76 -11.99 -3.25
C MET A 128 -8.57 -12.57 -3.99
N ASP A 129 -7.37 -12.50 -3.40
CA ASP A 129 -6.18 -13.07 -4.02
C ASP A 129 -5.91 -14.50 -3.55
N SER A 130 -6.80 -15.06 -2.66
CA SER A 130 -6.63 -16.40 -2.08
C SER A 130 -5.23 -16.53 -1.44
N SER A 131 -4.81 -15.51 -0.69
CA SER A 131 -3.48 -15.49 -0.08
C SER A 131 -3.44 -16.36 1.17
N LEU A 132 -2.23 -16.82 1.54
CA LEU A 132 -2.05 -17.70 2.70
C LEU A 132 -1.55 -16.91 3.91
N THR A 133 -0.49 -16.11 3.74
CA THR A 133 0.08 -15.35 4.84
C THR A 133 0.17 -13.87 4.53
N ARG A 134 0.33 -13.08 5.60
CA ARG A 134 0.46 -11.63 5.59
C ARG A 134 1.20 -11.20 6.84
N ARG A 135 2.25 -10.36 6.66
CA ARG A 135 3.07 -9.79 7.74
C ARG A 135 3.55 -10.89 8.71
N GLY A 136 4.07 -11.98 8.15
CA GLY A 136 4.61 -13.11 8.88
C GLY A 136 3.64 -14.03 9.60
N GLN A 137 2.32 -13.84 9.42
CA GLN A 137 1.33 -14.69 10.08
C GLN A 137 0.22 -15.09 9.09
N ILE A 138 -0.58 -16.13 9.42
CA ILE A 138 -1.69 -16.56 8.56
C ILE A 138 -2.68 -15.39 8.37
N CYS A 139 -3.22 -15.26 7.16
CA CYS A 139 -4.19 -14.25 6.79
C CYS A 139 -5.36 -14.32 7.73
N TRP A 140 -5.88 -13.16 8.15
CA TRP A 140 -7.01 -13.04 9.07
C TRP A 140 -8.18 -13.92 8.62
N TYR A 141 -8.54 -13.94 7.32
CA TYR A 141 -9.65 -14.78 6.84
C TYR A 141 -9.32 -16.29 6.89
N GLN A 142 -8.03 -16.66 6.83
CA GLN A 142 -7.61 -18.07 6.89
C GLN A 142 -7.68 -18.64 8.32
N LYS A 143 -7.88 -17.77 9.32
CA LYS A 143 -8.00 -18.15 10.71
C LYS A 143 -9.28 -18.92 10.96
N PRO A 144 -9.19 -20.11 11.61
CA PRO A 144 -10.41 -20.87 11.92
C PRO A 144 -11.33 -20.06 12.84
N GLY A 145 -12.58 -19.92 12.41
CA GLY A 145 -13.60 -19.15 13.12
C GLY A 145 -13.83 -17.78 12.51
N VAL A 146 -12.95 -17.36 11.57
CA VAL A 146 -13.07 -16.05 10.93
C VAL A 146 -13.73 -16.25 9.57
N GLY A 147 -12.98 -16.77 8.59
CA GLY A 147 -13.47 -17.04 7.24
C GLY A 147 -13.98 -15.79 6.57
N LEU A 148 -15.16 -15.88 5.90
CA LEU A 148 -15.74 -14.77 5.16
C LEU A 148 -16.32 -13.67 6.05
N ASP A 149 -16.32 -13.85 7.39
CA ASP A 149 -16.70 -12.81 8.37
C ASP A 149 -15.67 -11.67 8.32
N ALA A 150 -14.46 -11.96 7.80
CA ALA A 150 -13.38 -10.98 7.59
C ALA A 150 -13.82 -9.86 6.63
N ILE A 151 -14.86 -10.10 5.77
CA ILE A 151 -15.41 -9.04 4.90
C ILE A 151 -15.95 -7.88 5.77
N ASN A 152 -16.73 -8.20 6.83
CA ASN A 152 -17.28 -7.17 7.72
C ASN A 152 -16.17 -6.54 8.61
N ASP A 153 -15.19 -7.36 9.03
CA ASP A 153 -14.03 -6.92 9.79
C ASP A 153 -13.27 -5.89 8.98
N ALA A 154 -13.08 -6.12 7.64
CA ALA A 154 -12.42 -5.14 6.77
C ALA A 154 -13.21 -3.82 6.78
N ASN A 155 -14.55 -3.91 6.64
CA ASN A 155 -15.44 -2.75 6.66
C ASN A 155 -15.32 -1.96 7.97
N LEU A 156 -15.17 -2.64 9.13
CA LEU A 156 -14.97 -2.02 10.44
C LEU A 156 -13.67 -1.22 10.51
N LEU A 157 -12.59 -1.75 9.94
CA LEU A 157 -11.29 -1.07 9.89
C LEU A 157 -11.42 0.23 9.13
N GLU A 158 -12.14 0.20 8.01
CA GLU A 158 -12.40 1.40 7.22
C GLU A 158 -13.22 2.41 8.05
N ALA A 159 -14.27 1.93 8.75
CA ALA A 159 -15.12 2.78 9.58
C ALA A 159 -14.32 3.50 10.67
N CYS A 160 -13.29 2.84 11.22
CA CYS A 160 -12.46 3.36 12.30
C CYS A 160 -11.67 4.59 11.89
N ILE A 161 -11.34 4.74 10.58
CA ILE A 161 -10.63 5.92 10.08
C ILE A 161 -11.44 7.18 10.41
N TYR A 162 -12.74 7.20 10.03
CA TYR A 162 -13.62 8.36 10.17
C TYR A 162 -14.02 8.57 11.61
N ARG A 163 -13.98 7.51 12.42
CA ARG A 163 -14.22 7.63 13.86
C ARG A 163 -13.05 8.40 14.48
N LEU A 164 -11.80 8.08 14.09
CA LEU A 164 -10.61 8.78 14.59
C LEU A 164 -10.54 10.21 14.12
N LEU A 165 -10.85 10.47 12.83
CA LEU A 165 -10.86 11.82 12.27
C LEU A 165 -11.86 12.71 13.02
N LYS A 166 -13.05 12.16 13.33
CA LYS A 166 -14.07 12.89 14.07
C LYS A 166 -13.64 13.15 15.51
N LEU A 167 -13.02 12.13 16.17
CA LEU A 167 -12.59 12.23 17.56
C LEU A 167 -11.47 13.25 17.76
N TYR A 168 -10.56 13.41 16.78
CA TYR A 168 -9.40 14.27 16.95
C TYR A 168 -9.32 15.48 16.08
N CYS A 169 -9.95 15.48 14.90
CA CYS A 169 -9.78 16.57 13.94
C CYS A 169 -11.07 17.33 13.60
N ARG A 170 -12.20 17.04 14.25
CA ARG A 170 -13.51 17.65 13.94
C ARG A 170 -13.54 19.20 13.99
N GLU A 171 -12.79 19.80 14.91
CA GLU A 171 -12.78 21.25 15.10
C GLU A 171 -11.70 21.95 14.27
N GLN A 172 -10.89 21.18 13.53
CA GLN A 172 -9.79 21.72 12.71
C GLN A 172 -10.27 22.25 11.35
N PRO A 173 -9.60 23.29 10.74
CA PRO A 173 -10.08 23.80 9.45
C PRO A 173 -9.89 22.81 8.30
N TYR A 174 -9.03 21.81 8.48
CA TYR A 174 -8.73 20.81 7.45
C TYR A 174 -9.55 19.52 7.58
N TYR A 175 -10.52 19.46 8.52
CA TYR A 175 -11.34 18.26 8.79
C TYR A 175 -11.97 17.69 7.52
N LEU A 176 -12.76 18.50 6.79
CA LEU A 176 -13.43 18.13 5.55
C LEU A 176 -12.42 17.71 4.46
N ASN A 177 -11.30 18.43 4.33
CA ASN A 177 -10.23 18.11 3.37
C ASN A 177 -9.68 16.70 3.61
N LEU A 178 -9.50 16.33 4.90
CA LEU A 178 -9.02 15.00 5.28
C LEU A 178 -10.07 13.94 5.02
N ILE A 179 -11.34 14.19 5.38
CA ILE A 179 -12.43 13.22 5.12
C ILE A 179 -12.47 12.89 3.63
N GLU A 180 -12.53 13.93 2.77
CA GLU A 180 -12.61 13.78 1.31
C GLU A 180 -11.37 13.12 0.74
N LEU A 181 -10.18 13.42 1.30
CA LEU A 181 -8.93 12.82 0.83
C LEU A 181 -8.94 11.30 1.12
N PHE A 182 -9.35 10.88 2.34
CA PHE A 182 -9.44 9.44 2.66
C PHE A 182 -10.53 8.74 1.81
N LEU A 183 -11.68 9.39 1.58
CA LEU A 183 -12.75 8.79 0.77
C LEU A 183 -12.30 8.65 -0.70
N GLN A 184 -11.66 9.70 -1.26
CA GLN A 184 -11.17 9.71 -2.64
C GLN A 184 -10.06 8.67 -2.81
N SER A 185 -9.18 8.51 -1.79
CA SER A 185 -8.08 7.52 -1.81
C SER A 185 -8.62 6.10 -1.83
N SER A 186 -9.73 5.84 -1.12
CA SER A 186 -10.41 4.55 -1.07
C SER A 186 -11.07 4.25 -2.42
N TYR A 187 -11.80 5.22 -2.99
CA TYR A 187 -12.41 5.06 -4.31
C TYR A 187 -11.36 4.72 -5.37
N GLN A 188 -10.22 5.48 -5.38
CA GLN A 188 -9.13 5.27 -6.35
C GLN A 188 -8.52 3.87 -6.18
N THR A 189 -8.30 3.42 -4.92
CA THR A 189 -7.76 2.09 -4.65
C THR A 189 -8.74 1.00 -5.19
N GLU A 190 -10.05 1.17 -4.93
CA GLU A 190 -11.11 0.22 -5.35
C GLU A 190 -11.22 0.13 -6.89
N ILE A 191 -11.07 1.27 -7.57
CA ILE A 191 -11.06 1.33 -9.04
C ILE A 191 -9.84 0.53 -9.55
N GLY A 192 -8.70 0.69 -8.88
CA GLY A 192 -7.45 0.00 -9.16
C GLY A 192 -7.58 -1.49 -8.95
N GLN A 193 -8.22 -1.89 -7.83
CA GLN A 193 -8.50 -3.30 -7.51
C GLN A 193 -9.42 -3.92 -8.58
N THR A 194 -10.45 -3.16 -9.04
CA THR A 194 -11.36 -3.60 -10.11
C THR A 194 -10.56 -3.87 -11.40
N LEU A 195 -9.64 -2.95 -11.80
CA LEU A 195 -8.82 -3.13 -13.01
C LEU A 195 -7.91 -4.37 -12.87
N ASP A 196 -7.31 -4.53 -11.69
CA ASP A 196 -6.44 -5.64 -11.31
C ASP A 196 -7.19 -6.98 -11.47
N LEU A 197 -8.43 -7.05 -10.97
CA LEU A 197 -9.22 -8.27 -11.01
C LEU A 197 -9.79 -8.54 -12.41
N LEU A 198 -10.16 -7.49 -13.16
CA LEU A 198 -10.67 -7.65 -14.53
C LEU A 198 -9.60 -8.14 -15.49
N THR A 199 -8.34 -7.76 -15.25
CA THR A 199 -7.20 -8.15 -16.10
C THR A 199 -6.74 -9.56 -15.73
N ALA A 200 -7.11 -10.04 -14.52
CA ALA A 200 -6.69 -11.36 -14.02
C ALA A 200 -7.87 -12.34 -13.86
N PRO A 201 -8.67 -12.64 -14.91
CA PRO A 201 -9.78 -13.60 -14.71
C PRO A 201 -9.23 -15.02 -14.45
N GLN A 202 -9.87 -15.72 -13.52
CA GLN A 202 -9.45 -17.09 -13.17
C GLN A 202 -9.94 -18.04 -14.26
N GLY A 203 -9.07 -18.95 -14.65
CA GLY A 203 -9.38 -19.97 -15.65
C GLY A 203 -9.32 -19.52 -17.10
N ASN A 204 -8.94 -18.25 -17.36
CA ASN A 204 -8.84 -17.68 -18.69
C ASN A 204 -7.41 -17.22 -19.01
N VAL A 205 -6.87 -17.55 -20.22
CA VAL A 205 -5.55 -17.10 -20.71
C VAL A 205 -5.67 -15.59 -20.98
N ASP A 206 -4.94 -14.77 -20.23
CA ASP A 206 -5.07 -13.31 -20.34
C ASP A 206 -3.80 -12.59 -20.81
N LEU A 207 -2.85 -13.29 -21.48
CA LEU A 207 -1.58 -12.72 -21.94
C LEU A 207 -1.73 -11.45 -22.80
N VAL A 208 -2.75 -11.41 -23.69
CA VAL A 208 -3.08 -10.27 -24.58
C VAL A 208 -3.27 -8.96 -23.77
N ARG A 209 -3.92 -9.06 -22.60
CA ARG A 209 -4.24 -7.96 -21.71
C ARG A 209 -3.02 -7.41 -20.94
N PHE A 210 -1.95 -8.20 -20.83
CA PHE A 210 -0.78 -7.81 -20.04
C PHE A 210 0.15 -6.87 -20.84
N THR A 211 -0.24 -5.59 -20.92
CA THR A 211 0.54 -4.55 -21.61
C THR A 211 1.12 -3.56 -20.59
N GLU A 212 2.16 -2.81 -21.00
CA GLU A 212 2.78 -1.79 -20.15
C GLU A 212 1.76 -0.70 -19.80
N LYS A 213 0.90 -0.32 -20.77
CA LYS A 213 -0.13 0.70 -20.61
C LYS A 213 -1.13 0.27 -19.53
N ARG A 214 -1.64 -0.97 -19.62
CA ARG A 214 -2.61 -1.52 -18.67
C ARG A 214 -2.00 -1.57 -17.27
N TYR A 215 -0.75 -2.07 -17.18
CA TYR A 215 0.00 -2.20 -15.94
C TYR A 215 0.10 -0.88 -15.20
N LYS A 216 0.60 0.18 -15.88
CA LYS A 216 0.78 1.53 -15.31
C LYS A 216 -0.54 2.07 -14.75
N SER A 217 -1.67 1.82 -15.46
CA SER A 217 -3.01 2.25 -15.05
CA SER A 217 -3.01 2.26 -15.05
C SER A 217 -3.46 1.53 -13.76
N ILE A 218 -3.25 0.19 -13.69
CA ILE A 218 -3.65 -0.59 -12.52
C ILE A 218 -2.92 -0.08 -11.27
N VAL A 219 -1.59 0.01 -11.36
CA VAL A 219 -0.75 0.32 -10.21
C VAL A 219 -0.92 1.77 -9.74
N LYS A 220 -1.26 2.70 -10.66
CA LYS A 220 -1.52 4.12 -10.32
C LYS A 220 -2.70 4.17 -9.33
N TYR A 221 -3.79 3.46 -9.65
CA TYR A 221 -4.98 3.45 -8.81
C TYR A 221 -4.87 2.49 -7.61
N LYS A 222 -4.47 1.22 -7.80
CA LYS A 222 -4.47 0.24 -6.70
C LYS A 222 -3.39 0.48 -5.65
N THR A 223 -2.29 1.17 -5.97
CA THR A 223 -1.21 1.37 -5.02
C THR A 223 -0.82 2.83 -4.83
N ALA A 224 -0.43 3.52 -5.92
CA ALA A 224 0.21 4.84 -5.88
C ALA A 224 -0.59 5.91 -5.16
N PHE A 225 -1.91 6.01 -5.43
CA PHE A 225 -2.72 7.05 -4.81
C PHE A 225 -2.77 6.91 -3.27
N ALA A 226 -3.19 5.76 -2.74
CA ALA A 226 -3.35 5.61 -1.28
C ALA A 226 -2.07 5.30 -0.50
N SER A 227 -1.05 4.67 -1.12
CA SER A 227 0.16 4.36 -0.36
C SER A 227 1.19 5.49 -0.41
N PHE A 228 1.15 6.35 -1.46
CA PHE A 228 2.14 7.41 -1.63
C PHE A 228 1.54 8.81 -1.65
N TYR A 229 0.47 9.05 -2.40
CA TYR A 229 -0.07 10.41 -2.42
C TYR A 229 -0.79 10.73 -1.10
N LEU A 230 -1.65 9.82 -0.61
CA LEU A 230 -2.41 10.01 0.62
C LEU A 230 -1.55 10.44 1.83
N PRO A 231 -0.47 9.73 2.28
CA PRO A 231 0.22 10.18 3.51
C PRO A 231 0.80 11.60 3.42
N ILE A 232 1.47 11.97 2.29
CA ILE A 232 2.04 13.32 2.16
C ILE A 232 0.91 14.37 2.07
N ALA A 233 -0.16 14.10 1.28
CA ALA A 233 -1.29 15.02 1.13
C ALA A 233 -1.97 15.30 2.46
N ALA A 234 -2.15 14.27 3.31
CA ALA A 234 -2.73 14.43 4.65
C ALA A 234 -1.89 15.39 5.51
N ALA A 235 -0.57 15.21 5.58
CA ALA A 235 0.31 16.10 6.34
C ALA A 235 0.29 17.52 5.75
N MET A 236 0.20 17.63 4.42
CA MET A 236 0.10 18.90 3.72
C MET A 236 -1.15 19.67 4.16
N TYR A 237 -2.35 19.01 4.19
CA TYR A 237 -3.59 19.66 4.61
C TYR A 237 -3.55 20.05 6.09
N MET A 238 -2.90 19.22 6.92
CA MET A 238 -2.74 19.48 8.36
C MET A 238 -1.82 20.68 8.61
N ALA A 239 -0.86 20.91 7.69
CA ALA A 239 0.10 22.02 7.71
C ALA A 239 -0.50 23.29 7.09
N GLY A 240 -1.72 23.20 6.58
CA GLY A 240 -2.41 24.33 5.94
C GLY A 240 -2.07 24.49 4.47
N ILE A 241 -1.37 23.51 3.88
CA ILE A 241 -1.00 23.56 2.46
C ILE A 241 -2.14 22.87 1.69
N ASP A 242 -3.18 23.64 1.35
CA ASP A 242 -4.35 23.11 0.67
C ASP A 242 -4.39 23.50 -0.83
N GLY A 243 -3.35 24.18 -1.30
CA GLY A 243 -3.23 24.66 -2.68
C GLY A 243 -3.27 23.55 -3.70
N GLU A 244 -4.15 23.70 -4.72
CA GLU A 244 -4.32 22.74 -5.81
C GLU A 244 -2.99 22.47 -6.57
N LYS A 245 -2.23 23.54 -6.88
CA LYS A 245 -0.95 23.45 -7.59
C LYS A 245 0.13 22.71 -6.75
N GLU A 246 0.18 22.95 -5.42
CA GLU A 246 1.12 22.28 -4.52
C GLU A 246 0.82 20.78 -4.46
N HIS A 247 -0.47 20.41 -4.35
CA HIS A 247 -0.94 19.01 -4.32
C HIS A 247 -0.67 18.31 -5.65
N ALA A 248 -0.82 19.03 -6.78
CA ALA A 248 -0.54 18.51 -8.13
C ALA A 248 0.94 18.17 -8.26
N ASN A 249 1.82 19.09 -7.81
CA ASN A 249 3.28 18.90 -7.85
C ASN A 249 3.72 17.70 -6.98
N ALA A 250 3.23 17.63 -5.72
CA ALA A 250 3.49 16.49 -4.82
C ALA A 250 3.03 15.18 -5.49
N LYS A 251 1.85 15.20 -6.14
CA LYS A 251 1.27 14.06 -6.83
C LYS A 251 2.17 13.55 -7.95
N LYS A 252 2.83 14.44 -8.74
CA LYS A 252 3.73 14.05 -9.84
C LYS A 252 4.84 13.17 -9.33
N ILE A 253 5.46 13.55 -8.20
CA ILE A 253 6.54 12.78 -7.58
C ILE A 253 6.00 11.45 -7.04
N LEU A 254 4.97 11.54 -6.18
CA LEU A 254 4.41 10.43 -5.41
C LEU A 254 3.73 9.35 -6.23
N LEU A 255 3.02 9.68 -7.34
CA LEU A 255 2.41 8.64 -8.18
C LEU A 255 3.51 7.83 -8.90
N GLU A 256 4.64 8.48 -9.26
CA GLU A 256 5.75 7.81 -9.90
C GLU A 256 6.45 6.88 -8.91
N MET A 257 6.65 7.35 -7.65
CA MET A 257 7.22 6.57 -6.55
C MET A 257 6.36 5.34 -6.26
N GLY A 258 5.04 5.51 -6.33
CA GLY A 258 4.04 4.44 -6.14
C GLY A 258 4.14 3.37 -7.20
N GLU A 259 4.37 3.78 -8.47
CA GLU A 259 4.54 2.84 -9.58
C GLU A 259 5.79 1.99 -9.34
N PHE A 260 6.94 2.63 -8.96
CA PHE A 260 8.17 1.92 -8.65
C PHE A 260 7.92 0.92 -7.51
N PHE A 261 7.26 1.38 -6.44
CA PHE A 261 6.97 0.56 -5.27
C PHE A 261 6.16 -0.69 -5.62
N GLN A 262 5.17 -0.58 -6.54
CA GLN A 262 4.37 -1.74 -6.95
C GLN A 262 5.20 -2.68 -7.84
N ILE A 263 6.15 -2.14 -8.63
CA ILE A 263 7.02 -2.93 -9.50
C ILE A 263 7.93 -3.81 -8.62
N GLN A 264 8.43 -3.22 -7.51
CA GLN A 264 9.23 -3.89 -6.50
C GLN A 264 8.39 -4.98 -5.79
N ASP A 265 7.12 -4.65 -5.44
CA ASP A 265 6.16 -5.58 -4.82
C ASP A 265 5.94 -6.79 -5.73
N ASP A 266 5.80 -6.55 -7.07
CA ASP A 266 5.62 -7.64 -8.04
C ASP A 266 6.89 -8.50 -8.17
N TYR A 267 8.07 -7.89 -8.11
CA TYR A 267 9.34 -8.61 -8.17
C TYR A 267 9.45 -9.54 -6.95
N LEU A 268 9.17 -8.99 -5.75
CA LEU A 268 9.27 -9.69 -4.46
C LEU A 268 8.24 -10.79 -4.32
N ASP A 269 7.08 -10.68 -5.01
CA ASP A 269 6.05 -11.72 -4.99
C ASP A 269 6.65 -13.06 -5.40
N LEU A 270 7.60 -13.05 -6.36
CA LEU A 270 8.23 -14.27 -6.83
C LEU A 270 9.68 -14.43 -6.34
N PHE A 271 10.50 -13.35 -6.39
CA PHE A 271 11.93 -13.46 -6.05
C PHE A 271 12.31 -12.97 -4.64
N GLY A 272 11.32 -12.58 -3.83
CA GLY A 272 11.57 -12.17 -2.45
C GLY A 272 11.63 -13.33 -1.49
N ASP A 273 12.25 -13.12 -0.32
CA ASP A 273 12.34 -14.10 0.77
C ASP A 273 11.07 -14.00 1.63
N PRO A 274 10.20 -15.05 1.70
CA PRO A 274 8.96 -14.93 2.48
C PRO A 274 9.16 -14.72 3.98
N SER A 275 10.36 -15.03 4.51
CA SER A 275 10.69 -14.80 5.91
C SER A 275 10.89 -13.31 6.16
N VAL A 276 11.32 -12.59 5.10
CA VAL A 276 11.56 -11.15 5.08
C VAL A 276 10.26 -10.42 4.67
N THR A 277 9.65 -10.79 3.53
CA THR A 277 8.45 -10.14 3.01
C THR A 277 7.20 -10.40 3.90
N GLY A 278 7.18 -11.50 4.65
CA GLY A 278 6.09 -11.85 5.54
C GLY A 278 4.87 -12.44 4.86
N LYS A 279 4.91 -12.54 3.51
CA LYS A 279 3.80 -13.03 2.70
C LYS A 279 4.30 -13.97 1.60
N ILE A 280 3.41 -14.87 1.17
CA ILE A 280 3.65 -15.85 0.10
C ILE A 280 3.06 -15.29 -1.19
N GLY A 281 3.84 -15.37 -2.27
CA GLY A 281 3.42 -14.89 -3.58
C GLY A 281 2.34 -15.74 -4.23
N THR A 282 1.45 -15.11 -5.01
CA THR A 282 0.33 -15.78 -5.73
C THR A 282 0.07 -15.18 -7.13
N ASP A 283 0.88 -14.19 -7.57
CA ASP A 283 0.64 -13.49 -8.84
C ASP A 283 0.57 -14.42 -10.05
N ILE A 284 1.44 -15.46 -10.11
CA ILE A 284 1.50 -16.39 -11.25
C ILE A 284 0.22 -17.21 -11.25
N GLN A 285 -0.10 -17.93 -10.14
CA GLN A 285 -1.32 -18.74 -9.95
C GLN A 285 -2.59 -17.91 -10.19
N ASP A 286 -2.60 -16.63 -9.74
CA ASP A 286 -3.77 -15.72 -9.85
C ASP A 286 -3.92 -15.01 -11.19
N ASN A 287 -3.07 -15.36 -12.20
CA ASN A 287 -3.13 -14.81 -13.57
C ASN A 287 -2.99 -13.29 -13.55
N LYS A 288 -2.17 -12.75 -12.64
CA LYS A 288 -2.03 -11.31 -12.45
C LYS A 288 -1.19 -10.62 -13.51
N CYS A 289 -1.59 -9.36 -13.83
CA CYS A 289 -0.83 -8.49 -14.72
C CYS A 289 0.36 -7.89 -13.91
N SER A 290 1.29 -8.76 -13.52
CA SER A 290 2.53 -8.44 -12.81
C SER A 290 3.49 -7.70 -13.74
N TRP A 291 4.41 -6.87 -13.19
CA TRP A 291 5.46 -6.19 -13.96
C TRP A 291 6.33 -7.25 -14.65
N LEU A 292 6.59 -8.36 -13.92
CA LEU A 292 7.38 -9.50 -14.43
C LEU A 292 6.79 -10.13 -15.71
N VAL A 293 5.47 -10.38 -15.74
CA VAL A 293 4.84 -11.02 -16.91
C VAL A 293 4.82 -10.06 -18.11
N VAL A 294 4.69 -8.74 -17.84
CA VAL A 294 4.69 -7.72 -18.89
C VAL A 294 6.08 -7.71 -19.55
N GLN A 295 7.16 -7.75 -18.75
CA GLN A 295 8.54 -7.79 -19.23
C GLN A 295 8.83 -9.08 -19.99
N CYS A 296 8.36 -10.23 -19.49
CA CYS A 296 8.49 -11.54 -20.12
C CYS A 296 7.94 -11.49 -21.54
N LEU A 297 6.70 -10.97 -21.68
CA LEU A 297 6.00 -10.84 -22.95
C LEU A 297 6.70 -9.91 -23.94
N GLN A 298 7.41 -8.88 -23.44
CA GLN A 298 8.17 -7.98 -24.31
C GLN A 298 9.45 -8.65 -24.82
N ARG A 299 9.99 -9.63 -24.08
CA ARG A 299 11.26 -10.28 -24.42
C ARG A 299 11.14 -11.71 -24.95
N ALA A 300 9.97 -12.36 -24.79
CA ALA A 300 9.81 -13.76 -25.20
C ALA A 300 9.81 -13.99 -26.72
N THR A 301 10.41 -15.13 -27.13
CA THR A 301 10.38 -15.66 -28.50
C THR A 301 9.01 -16.33 -28.67
N PRO A 302 8.58 -16.74 -29.88
CA PRO A 302 7.29 -17.44 -29.99
C PRO A 302 7.26 -18.75 -29.16
N GLU A 303 8.41 -19.45 -29.05
CA GLU A 303 8.53 -20.71 -28.28
C GLU A 303 8.33 -20.41 -26.78
N GLN A 304 8.97 -19.37 -26.26
CA GLN A 304 8.83 -18.93 -24.87
C GLN A 304 7.44 -18.39 -24.59
N TYR A 305 6.77 -17.76 -25.60
CA TYR A 305 5.40 -17.26 -25.42
C TYR A 305 4.46 -18.44 -25.16
N GLN A 306 4.65 -19.55 -25.91
CA GLN A 306 3.86 -20.78 -25.79
C GLN A 306 4.00 -21.36 -24.40
N ILE A 307 5.24 -21.38 -23.85
CA ILE A 307 5.55 -21.89 -22.51
C ILE A 307 4.77 -21.09 -21.47
N LEU A 308 4.81 -19.75 -21.58
CA LEU A 308 4.10 -18.83 -20.69
C LEU A 308 2.58 -19.03 -20.79
N LYS A 309 2.03 -19.12 -22.02
CA LYS A 309 0.60 -19.36 -22.26
C LYS A 309 0.09 -20.65 -21.58
N GLU A 310 0.80 -21.76 -21.76
CA GLU A 310 0.42 -23.06 -21.20
C GLU A 310 0.56 -23.14 -19.66
N ASN A 311 1.42 -22.29 -19.06
CA ASN A 311 1.71 -22.43 -17.65
C ASN A 311 1.26 -21.31 -16.71
N TYR A 312 0.96 -20.10 -17.24
CA TYR A 312 0.53 -18.96 -16.41
C TYR A 312 -0.94 -19.10 -15.94
N GLY A 313 -1.26 -18.45 -14.82
CA GLY A 313 -2.60 -18.38 -14.24
C GLY A 313 -3.22 -19.67 -13.74
N GLN A 314 -2.37 -20.63 -13.32
CA GLN A 314 -2.84 -21.95 -12.88
C GLN A 314 -2.25 -22.34 -11.52
N LYS A 315 -3.04 -23.09 -10.74
CA LYS A 315 -2.71 -23.54 -9.38
C LYS A 315 -1.62 -24.62 -9.29
N GLU A 316 -1.30 -25.33 -10.39
CA GLU A 316 -0.30 -26.40 -10.40
C GLU A 316 1.10 -25.88 -10.07
N ALA A 317 1.70 -26.42 -9.00
CA ALA A 317 3.04 -26.03 -8.53
C ALA A 317 4.10 -26.13 -9.63
N GLU A 318 4.05 -27.20 -10.46
CA GLU A 318 5.03 -27.39 -11.56
C GLU A 318 4.84 -26.35 -12.67
N LYS A 319 3.58 -25.87 -12.88
CA LYS A 319 3.30 -24.84 -13.89
C LYS A 319 3.87 -23.50 -13.42
N VAL A 320 3.75 -23.21 -12.11
CA VAL A 320 4.30 -21.97 -11.51
C VAL A 320 5.83 -22.03 -11.61
N ALA A 321 6.42 -23.20 -11.27
CA ALA A 321 7.87 -23.40 -11.33
C ALA A 321 8.39 -23.22 -12.77
N ARG A 322 7.58 -23.58 -13.79
CA ARG A 322 7.94 -23.41 -15.19
C ARG A 322 7.99 -21.92 -15.57
N VAL A 323 7.05 -21.11 -15.06
CA VAL A 323 7.01 -19.67 -15.36
C VAL A 323 8.24 -18.98 -14.71
N LYS A 324 8.54 -19.32 -13.42
CA LYS A 324 9.70 -18.83 -12.69
C LYS A 324 11.01 -19.14 -13.46
N ALA A 325 11.09 -20.37 -14.04
CA ALA A 325 12.27 -20.80 -14.82
C ALA A 325 12.42 -19.96 -16.10
N LEU A 326 11.29 -19.58 -16.74
CA LEU A 326 11.29 -18.76 -17.96
C LEU A 326 11.79 -17.33 -17.66
N TYR A 327 11.33 -16.77 -16.54
CA TYR A 327 11.71 -15.44 -16.06
C TYR A 327 13.22 -15.37 -15.83
N GLU A 328 13.77 -16.42 -15.19
CA GLU A 328 15.18 -16.53 -14.89
C GLU A 328 15.99 -16.72 -16.16
N GLU A 329 15.44 -17.46 -17.16
CA GLU A 329 16.08 -17.66 -18.47
C GLU A 329 16.18 -16.30 -19.20
N LEU A 330 15.17 -15.44 -19.03
CA LEU A 330 15.13 -14.12 -19.67
C LEU A 330 15.83 -13.02 -18.83
N ASP A 331 16.56 -13.43 -17.76
CA ASP A 331 17.30 -12.56 -16.82
C ASP A 331 16.44 -11.38 -16.31
N LEU A 332 15.16 -11.66 -15.98
CA LEU A 332 14.24 -10.64 -15.48
C LEU A 332 14.73 -10.08 -14.11
N PRO A 333 15.38 -10.86 -13.17
CA PRO A 333 15.94 -10.24 -11.96
C PRO A 333 16.98 -9.15 -12.28
N ALA A 334 17.80 -9.32 -13.34
CA ALA A 334 18.78 -8.33 -13.77
C ALA A 334 18.08 -7.13 -14.39
N VAL A 335 17.04 -7.38 -15.22
CA VAL A 335 16.18 -6.37 -15.88
C VAL A 335 15.51 -5.51 -14.79
N PHE A 336 15.10 -6.13 -13.66
CA PHE A 336 14.52 -5.41 -12.52
C PHE A 336 15.57 -4.49 -11.86
N LEU A 337 16.80 -4.98 -11.65
CA LEU A 337 17.89 -4.21 -11.03
C LEU A 337 18.20 -2.95 -11.85
N GLN A 338 18.27 -3.09 -13.19
CA GLN A 338 18.49 -1.96 -14.10
C GLN A 338 17.30 -0.96 -14.03
N TYR A 339 16.03 -1.46 -13.96
CA TYR A 339 14.84 -0.61 -13.84
C TYR A 339 14.85 0.15 -12.50
N GLU A 340 15.21 -0.53 -11.39
CA GLU A 340 15.25 0.09 -10.06
C GLU A 340 16.20 1.31 -10.08
N GLU A 341 17.37 1.19 -10.73
CA GLU A 341 18.37 2.25 -10.88
C GLU A 341 17.81 3.41 -11.71
N ASP A 342 17.31 3.12 -12.93
CA ASP A 342 16.76 4.11 -13.85
C ASP A 342 15.58 4.87 -13.22
N SER A 343 14.70 4.13 -12.51
CA SER A 343 13.52 4.69 -11.84
C SER A 343 13.93 5.62 -10.71
N TYR A 344 14.93 5.23 -9.87
CA TYR A 344 15.44 6.05 -8.77
C TYR A 344 15.93 7.40 -9.29
N SER A 345 16.73 7.38 -10.38
CA SER A 345 17.28 8.59 -10.99
C SER A 345 16.16 9.48 -11.51
N HIS A 346 15.13 8.86 -12.13
CA HIS A 346 13.97 9.57 -12.66
C HIS A 346 13.17 10.21 -11.53
N ILE A 347 12.93 9.46 -10.43
CA ILE A 347 12.20 10.00 -9.27
C ILE A 347 12.99 11.17 -8.64
N MET A 348 14.33 11.04 -8.55
CA MET A 348 15.21 12.10 -8.02
C MET A 348 15.13 13.35 -8.87
N ALA A 349 15.07 13.19 -10.21
CA ALA A 349 14.93 14.30 -11.15
C ALA A 349 13.56 14.99 -10.95
N LEU A 350 12.50 14.20 -10.63
CA LEU A 350 11.16 14.72 -10.36
C LEU A 350 11.10 15.50 -9.05
N ILE A 351 11.89 15.06 -8.03
CA ILE A 351 12.00 15.77 -6.76
C ILE A 351 12.66 17.14 -7.05
N GLU A 352 13.73 17.16 -7.86
CA GLU A 352 14.42 18.40 -8.25
C GLU A 352 13.48 19.37 -8.97
N GLN A 353 12.59 18.85 -9.82
CA GLN A 353 11.63 19.66 -10.57
C GLN A 353 10.41 20.15 -9.73
N TYR A 354 9.75 19.24 -9.02
CA TYR A 354 8.47 19.50 -8.37
C TYR A 354 8.45 19.59 -6.84
N ALA A 355 9.58 19.38 -6.10
CA ALA A 355 9.55 19.47 -4.62
C ALA A 355 9.21 20.89 -4.12
N ALA A 356 9.84 21.94 -4.71
CA ALA A 356 9.64 23.34 -4.31
C ALA A 356 8.15 23.73 -4.32
N PRO A 357 7.66 24.45 -3.28
CA PRO A 357 8.39 25.05 -2.14
C PRO A 357 8.52 24.14 -0.90
N LEU A 358 8.10 22.86 -1.00
CA LEU A 358 8.19 21.93 0.13
C LEU A 358 9.64 21.48 0.36
N PRO A 359 10.07 21.18 1.61
CA PRO A 359 11.45 20.71 1.82
C PRO A 359 11.72 19.41 1.06
N PRO A 360 12.79 19.34 0.22
CA PRO A 360 13.06 18.09 -0.55
C PRO A 360 13.14 16.83 0.33
N ALA A 361 13.55 16.99 1.61
CA ALA A 361 13.66 15.93 2.62
C ALA A 361 12.33 15.18 2.81
N VAL A 362 11.18 15.84 2.59
CA VAL A 362 9.84 15.27 2.67
C VAL A 362 9.75 14.05 1.71
N PHE A 363 10.22 14.24 0.48
CA PHE A 363 10.19 13.22 -0.57
C PHE A 363 11.40 12.32 -0.53
N LEU A 364 12.60 12.86 -0.18
CA LEU A 364 13.86 12.10 -0.10
C LEU A 364 13.83 11.02 0.98
N GLY A 365 13.23 11.32 2.13
CA GLY A 365 13.07 10.39 3.25
C GLY A 365 12.29 9.14 2.85
N LEU A 366 11.19 9.31 2.11
CA LEU A 366 10.34 8.20 1.62
C LEU A 366 11.07 7.39 0.52
N ALA A 367 11.84 8.06 -0.36
CA ALA A 367 12.60 7.43 -1.43
C ALA A 367 13.67 6.50 -0.87
N ARG A 368 14.38 6.95 0.19
CA ARG A 368 15.42 6.21 0.89
C ARG A 368 14.83 4.97 1.55
N LYS A 369 13.63 5.10 2.14
CA LYS A 369 12.92 4.01 2.81
C LYS A 369 12.43 2.93 1.84
N ILE A 370 12.18 3.26 0.55
CA ILE A 370 11.66 2.24 -0.37
C ILE A 370 12.71 1.74 -1.38
N TYR A 371 13.77 2.50 -1.61
CA TYR A 371 14.75 2.04 -2.59
C TYR A 371 15.75 1.05 -2.00
N LYS A 372 15.91 -0.08 -2.72
CA LYS A 372 16.76 -1.24 -2.41
C LYS A 372 16.12 -2.11 -1.31
N ARG A 373 14.83 -1.87 -1.01
CA ARG A 373 14.13 -2.63 0.02
C ARG A 373 13.76 -4.03 -0.53
N ARG A 374 13.90 -5.05 0.33
CA ARG A 374 13.62 -6.45 0.01
C ARG A 374 12.48 -6.96 0.90
N LYS A 375 11.76 -6.02 1.53
CA LYS A 375 10.65 -6.22 2.47
C LYS A 375 9.49 -5.26 2.14
MG MG B . -2.64 -9.30 -3.03
MG MG C . 1.81 -8.04 -4.62
MG MG D . -4.42 -7.84 -5.06
C1 IPE E . 1.84 -3.68 0.70
O1 IPE E . 2.38 -2.52 1.22
C2 IPE E . 0.83 -3.54 -0.37
C3 IPE E . 1.11 -2.66 -1.55
C4 IPE E . 0.46 -1.32 -1.55
C5 IPE E . 2.38 -2.87 -2.32
PA IPE E . 3.56 -2.63 2.24
O1A IPE E . 3.97 -1.21 2.60
O2A IPE E . 4.69 -3.36 1.53
O3A IPE E . 3.06 -3.47 3.45
PB IPE E . 3.16 -3.16 4.99
O1B IPE E . 4.52 -2.61 5.35
O2B IPE E . 2.93 -4.49 5.69
O3B IPE E . 2.09 -2.18 5.44
C2 AHD F . -2.93 -4.68 -2.61
C3 AHD F . -2.50 -3.28 -2.88
C7 AHD F . -1.93 -5.67 -2.05
C8 AHD F . -0.77 -6.20 -2.84
O12 AHD F . 0.05 -7.24 -5.26
P9 AHD F . -1.23 -6.71 -4.52
O10 AHD F . -1.77 -5.51 -5.35
O11 AHD F . -2.30 -7.77 -4.42
P14 AHD F . -0.01 -7.61 -1.96
O15 AHD F . -1.05 -8.75 -1.76
O16 AHD F . 1.23 -8.12 -2.75
O17 AHD F . 0.40 -7.20 -0.57
O13 AHD F . 0.22 -5.25 -2.99
N4 AHD F . -1.54 -3.06 -3.93
#